data_8PSR
#
_entry.id   8PSR
#
_cell.length_a   62.130
_cell.length_b   62.130
_cell.length_c   214.980
_cell.angle_alpha   90.00
_cell.angle_beta   90.00
_cell.angle_gamma   120.00
#
_symmetry.space_group_name_H-M   'P 65'
#
loop_
_entity.id
_entity.type
_entity.pdbx_description
1 polymer 'Mitogen-activated protein kinase 1'
2 polymer SynthRevD-12-opt
3 non-polymer 'PHOSPHOAMINOPHOSPHONIC ACID-ADENYLATE ESTER'
4 non-polymer GLYCEROL
5 water water
#
loop_
_entity_poly.entity_id
_entity_poly.type
_entity_poly.pdbx_seq_one_letter_code
_entity_poly.pdbx_strand_id
1 'polypeptide(L)'
;GSASMAAAAAAGAGPEMVRGQVFDVGPRYTNLSYIGEGAYGMVCSAYDNVNKVRVAIKKISPFEHQTYCQRTLREIKILL
RFRHENIIGINDIIRAPTIEQMKDVYIVQDLMETDLYKLLKTQHLSNDHICYFLYQILRGLKYIHSANVLHRDLKPSNLL
LNTTCDLKICDFGLARVADPDHDHTGFLTEYVATRWYRAPEIMLNSKGYTKSIDIWSVGCILAEMLSNRPIFPGKHYLDQ
LNHILGILGSPSQEDLNCIINLKARNYLLSLPHKNKVPWNRLFPNADSKALDLLDKMLTFNPHKRIEVEQALAHPYLEQY
YDPSDEPIAEAPFKFDMELDDLPKEKLKELIFEETARFQPGYRS
;
A
2 'polypeptide(L)' MQL(ABU)LDSSNLARRRRRRRR B
#
# COMPACT_ATOMS: atom_id res chain seq x y z
N MET A 5 8.61 -33.68 -33.13
CA MET A 5 7.24 -33.27 -33.41
C MET A 5 7.04 -31.81 -33.03
N ALA A 6 6.41 -31.03 -33.92
CA ALA A 6 6.19 -29.62 -33.63
C ALA A 6 5.27 -29.44 -32.43
N ALA A 7 4.20 -30.24 -32.34
CA ALA A 7 3.29 -30.13 -31.19
C ALA A 7 4.01 -30.45 -29.89
N ALA A 8 4.83 -31.51 -29.88
CA ALA A 8 5.62 -31.85 -28.70
C ALA A 8 6.58 -30.72 -28.34
N ALA A 9 7.13 -30.04 -29.35
CA ALA A 9 7.98 -28.88 -29.10
C ALA A 9 7.17 -27.70 -28.60
N ALA A 10 5.90 -27.61 -29.00
CA ALA A 10 5.07 -26.51 -28.52
C ALA A 10 4.71 -26.72 -27.05
N ALA A 11 4.40 -27.97 -26.67
CA ALA A 11 4.00 -28.26 -25.29
C ALA A 11 5.17 -28.09 -24.32
N GLY A 12 6.40 -28.31 -24.78
CA GLY A 12 7.55 -27.99 -23.95
C GLY A 12 7.66 -26.52 -23.62
N ALA A 13 7.26 -25.66 -24.56
CA ALA A 13 7.21 -24.22 -24.36
C ALA A 13 5.92 -23.76 -23.67
N GLY A 14 5.17 -24.68 -23.05
CA GLY A 14 3.88 -24.36 -22.47
C GLY A 14 3.97 -23.61 -21.16
N PRO A 15 2.83 -23.50 -20.47
CA PRO A 15 2.77 -22.67 -19.24
C PRO A 15 3.62 -23.26 -18.12
N GLU A 16 4.42 -22.41 -17.49
CA GLU A 16 5.21 -22.81 -16.34
C GLU A 16 4.31 -22.91 -15.10
N MET A 17 4.70 -23.79 -14.18
CA MET A 17 4.02 -23.96 -12.90
C MET A 17 4.97 -23.53 -11.79
N VAL A 18 4.46 -22.74 -10.84
CA VAL A 18 5.25 -22.22 -9.73
C VAL A 18 4.52 -22.58 -8.43
N ARG A 19 5.18 -23.36 -7.57
CA ARG A 19 4.59 -23.74 -6.28
C ARG A 19 3.21 -24.37 -6.47
N GLY A 20 3.08 -25.16 -7.54
CA GLY A 20 1.84 -25.84 -7.83
C GLY A 20 0.76 -25.01 -8.48
N GLN A 21 1.03 -23.75 -8.82
CA GLN A 21 0.05 -22.89 -9.46
C GLN A 21 0.47 -22.57 -10.88
N VAL A 22 -0.48 -22.59 -11.80
CA VAL A 22 -0.17 -22.34 -13.22
C VAL A 22 0.10 -20.85 -13.45
N PHE A 23 1.10 -20.54 -14.25
CA PHE A 23 1.41 -19.14 -14.64
C PHE A 23 1.47 -19.12 -16.17
N ASP A 24 0.37 -18.80 -16.81
CA ASP A 24 0.31 -18.86 -18.30
C ASP A 24 0.60 -17.47 -18.83
N VAL A 25 1.89 -17.13 -18.92
CA VAL A 25 2.28 -15.78 -19.30
C VAL A 25 3.18 -15.74 -20.53
N GLY A 26 3.40 -16.88 -21.18
CA GLY A 26 4.11 -16.89 -22.45
C GLY A 26 3.21 -16.30 -23.52
N PRO A 27 3.78 -15.92 -24.67
CA PRO A 27 5.16 -16.11 -25.11
C PRO A 27 6.09 -14.99 -24.63
N ARG A 28 5.56 -13.87 -24.16
CA ARG A 28 6.40 -12.71 -23.88
C ARG A 28 7.24 -12.92 -22.61
N TYR A 29 6.70 -13.58 -21.58
CA TYR A 29 7.34 -13.68 -20.28
C TYR A 29 7.76 -15.13 -20.00
N THR A 30 9.03 -15.31 -19.62
CA THR A 30 9.61 -16.65 -19.44
C THR A 30 10.48 -16.67 -18.20
N ASN A 31 10.97 -17.86 -17.87
CA ASN A 31 11.90 -18.07 -16.75
C ASN A 31 11.34 -17.50 -15.45
N LEU A 32 10.26 -18.13 -14.99
CA LEU A 32 9.55 -17.63 -13.83
C LEU A 32 10.16 -18.12 -12.53
N SER A 33 10.04 -17.29 -11.50
N SER A 33 10.09 -17.27 -11.51
CA SER A 33 10.58 -17.57 -10.18
CA SER A 33 10.59 -17.58 -10.17
C SER A 33 9.67 -16.98 -9.12
C SER A 33 9.65 -16.99 -9.13
N TYR A 34 9.41 -17.75 -8.06
CA TYR A 34 8.49 -17.29 -7.02
C TYR A 34 9.04 -16.07 -6.27
N ILE A 35 8.20 -15.05 -6.12
N ILE A 35 8.15 -15.11 -5.99
CA ILE A 35 8.51 -13.91 -5.24
CA ILE A 35 8.50 -13.89 -5.28
C ILE A 35 7.72 -14.02 -3.95
C ILE A 35 7.68 -13.69 -4.02
N GLY A 36 6.39 -14.02 -4.04
CA GLY A 36 5.58 -13.87 -2.86
C GLY A 36 4.12 -14.11 -3.20
N GLU A 37 3.28 -14.00 -2.16
CA GLU A 37 1.86 -14.29 -2.33
C GLU A 37 1.13 -13.48 -1.27
N GLY A 38 0.16 -12.67 -1.69
CA GLY A 38 -0.67 -11.94 -0.77
C GLY A 38 -1.92 -12.76 -0.50
N ALA A 39 -2.91 -12.10 0.10
CA ALA A 39 -4.20 -12.81 0.29
C ALA A 39 -4.92 -13.06 -1.02
N TYR A 40 -4.62 -12.28 -2.07
CA TYR A 40 -5.39 -12.37 -3.29
C TYR A 40 -4.58 -12.79 -4.50
N GLY A 41 -3.33 -12.37 -4.58
CA GLY A 41 -2.52 -12.54 -5.77
C GLY A 41 -1.28 -13.36 -5.50
N MET A 42 -0.80 -14.03 -6.55
N MET A 42 -0.82 -14.06 -6.52
CA MET A 42 0.42 -14.82 -6.55
CA MET A 42 0.44 -14.79 -6.50
C MET A 42 1.45 -14.09 -7.42
C MET A 42 1.43 -14.07 -7.40
N VAL A 43 2.63 -13.79 -6.87
CA VAL A 43 3.59 -12.92 -7.54
C VAL A 43 4.87 -13.68 -7.86
N CYS A 44 5.30 -13.61 -9.12
CA CYS A 44 6.53 -14.22 -9.61
C CYS A 44 7.34 -13.16 -10.31
N SER A 45 8.66 -13.36 -10.37
CA SER A 45 9.46 -12.60 -11.32
C SER A 45 9.56 -13.38 -12.63
N ALA A 46 9.78 -12.67 -13.73
CA ALA A 46 9.84 -13.28 -15.04
C ALA A 46 10.72 -12.42 -15.92
N TYR A 47 11.21 -13.00 -17.02
CA TYR A 47 12.01 -12.26 -17.99
C TYR A 47 11.11 -11.78 -19.13
N ASP A 48 11.12 -10.48 -19.35
CA ASP A 48 10.33 -9.86 -20.41
C ASP A 48 11.16 -9.90 -21.70
N ASN A 49 10.76 -10.75 -22.66
CA ASN A 49 11.58 -10.92 -23.85
C ASN A 49 11.47 -9.76 -24.84
N VAL A 50 10.49 -8.88 -24.67
CA VAL A 50 10.39 -7.72 -25.53
C VAL A 50 11.22 -6.57 -25.00
N ASN A 51 11.01 -6.19 -23.74
CA ASN A 51 11.78 -5.08 -23.16
C ASN A 51 13.10 -5.52 -22.54
N LYS A 52 13.38 -6.83 -22.52
CA LYS A 52 14.69 -7.37 -22.19
C LYS A 52 15.10 -7.01 -20.76
N VAL A 53 14.21 -7.33 -19.82
CA VAL A 53 14.41 -6.97 -18.41
C VAL A 53 13.56 -7.94 -17.62
N ARG A 54 13.94 -8.20 -16.36
CA ARG A 54 13.04 -8.97 -15.51
C ARG A 54 11.99 -8.05 -14.88
N VAL A 55 10.82 -8.63 -14.67
CA VAL A 55 9.60 -7.94 -14.27
C VAL A 55 8.95 -8.76 -13.18
N ALA A 56 7.98 -8.16 -12.50
CA ALA A 56 7.15 -8.86 -11.54
C ALA A 56 5.79 -9.10 -12.18
N ILE A 57 5.19 -10.25 -11.90
CA ILE A 57 3.87 -10.56 -12.45
C ILE A 57 3.01 -11.05 -11.31
N LYS A 58 1.86 -10.41 -11.10
CA LYS A 58 0.91 -10.84 -10.08
C LYS A 58 -0.30 -11.48 -10.75
N LYS A 59 -0.59 -12.73 -10.40
CA LYS A 59 -1.70 -13.47 -10.94
C LYS A 59 -2.86 -13.33 -9.97
N ILE A 60 -4.04 -12.97 -10.49
CA ILE A 60 -5.25 -12.97 -9.69
C ILE A 60 -6.30 -13.79 -10.43
N SER A 61 -7.14 -14.50 -9.68
CA SER A 61 -8.22 -15.30 -10.28
C SER A 61 -9.54 -14.84 -9.69
N PRO A 62 -10.12 -13.77 -10.21
CA PRO A 62 -11.11 -13.03 -9.41
C PRO A 62 -12.59 -13.24 -9.73
N PHE A 63 -12.90 -13.88 -10.84
CA PHE A 63 -14.20 -13.64 -11.44
C PHE A 63 -15.32 -14.39 -10.75
N GLU A 64 -15.02 -15.30 -9.82
CA GLU A 64 -16.09 -15.88 -9.02
C GLU A 64 -16.45 -15.02 -7.81
N HIS A 65 -15.72 -13.94 -7.54
CA HIS A 65 -15.97 -13.17 -6.33
C HIS A 65 -16.14 -11.70 -6.67
N GLN A 66 -17.29 -11.15 -6.32
CA GLN A 66 -17.46 -9.71 -6.45
C GLN A 66 -16.32 -8.93 -5.79
N THR A 67 -15.90 -9.33 -4.60
CA THR A 67 -14.87 -8.53 -3.95
C THR A 67 -13.52 -8.65 -4.66
N TYR A 68 -13.16 -9.84 -5.16
CA TYR A 68 -11.92 -9.94 -5.95
C TYR A 68 -12.00 -9.09 -7.21
N CYS A 69 -13.16 -9.05 -7.87
CA CYS A 69 -13.29 -8.23 -9.07
C CYS A 69 -13.12 -6.76 -8.76
N GLN A 70 -13.67 -6.31 -7.63
CA GLN A 70 -13.49 -4.92 -7.22
C GLN A 70 -12.01 -4.62 -7.02
N ARG A 71 -11.31 -5.51 -6.35
CA ARG A 71 -9.89 -5.25 -6.09
C ARG A 71 -9.11 -5.22 -7.40
N THR A 72 -9.44 -6.15 -8.30
CA THR A 72 -8.71 -6.22 -9.57
C THR A 72 -8.94 -4.95 -10.38
N LEU A 73 -10.20 -4.56 -10.54
CA LEU A 73 -10.53 -3.38 -11.34
C LEU A 73 -9.98 -2.09 -10.74
N ARG A 74 -10.11 -1.90 -9.42
CA ARG A 74 -9.61 -0.69 -8.79
C ARG A 74 -8.10 -0.56 -8.92
N GLU A 75 -7.38 -1.63 -8.62
CA GLU A 75 -5.92 -1.57 -8.74
C GLU A 75 -5.51 -1.21 -10.15
N ILE A 76 -6.13 -1.84 -11.15
CA ILE A 76 -5.75 -1.61 -12.53
C ILE A 76 -6.08 -0.17 -12.94
N LYS A 77 -7.32 0.27 -12.73
CA LYS A 77 -7.70 1.63 -13.12
C LYS A 77 -6.81 2.68 -12.44
N ILE A 78 -6.53 2.51 -11.16
CA ILE A 78 -5.77 3.54 -10.45
C ILE A 78 -4.31 3.55 -10.89
N LEU A 79 -3.66 2.39 -10.91
CA LEU A 79 -2.24 2.38 -11.22
C LEU A 79 -1.97 2.73 -12.68
N LEU A 80 -2.90 2.42 -13.59
CA LEU A 80 -2.69 2.84 -14.97
C LEU A 80 -2.71 4.36 -15.10
N ARG A 81 -3.41 5.05 -14.19
CA ARG A 81 -3.49 6.49 -14.23
C ARG A 81 -2.38 7.17 -13.46
N PHE A 82 -1.69 6.47 -12.56
CA PHE A 82 -0.65 7.07 -11.74
C PHE A 82 0.70 6.94 -12.44
N ARG A 83 1.56 7.94 -12.26
CA ARG A 83 2.93 7.86 -12.78
C ARG A 83 3.83 8.60 -11.79
N HIS A 84 4.57 7.86 -10.96
CA HIS A 84 5.36 8.50 -9.91
C HIS A 84 6.49 7.56 -9.52
N GLU A 85 7.68 8.14 -9.30
CA GLU A 85 8.87 7.40 -8.90
C GLU A 85 8.63 6.47 -7.70
N ASN A 86 7.76 6.84 -6.78
CA ASN A 86 7.58 6.04 -5.57
C ASN A 86 6.27 5.28 -5.57
N ILE A 87 5.67 5.08 -6.74
CA ILE A 87 4.48 4.23 -6.89
C ILE A 87 4.76 3.20 -7.98
N ILE A 88 4.41 1.93 -7.72
CA ILE A 88 4.67 0.88 -8.69
C ILE A 88 3.84 1.14 -9.95
N GLY A 89 4.43 0.89 -11.10
CA GLY A 89 3.73 1.06 -12.35
C GLY A 89 3.25 -0.28 -12.89
N ILE A 90 2.22 -0.25 -13.72
CA ILE A 90 1.79 -1.42 -14.48
C ILE A 90 2.36 -1.29 -15.89
N ASN A 91 3.18 -2.27 -16.30
CA ASN A 91 3.78 -2.29 -17.63
C ASN A 91 2.90 -2.99 -18.67
N ASP A 92 2.10 -3.95 -18.24
CA ASP A 92 1.40 -4.86 -19.14
C ASP A 92 0.34 -5.58 -18.31
N ILE A 93 -0.68 -6.10 -18.99
CA ILE A 93 -1.69 -6.91 -18.31
C ILE A 93 -2.04 -8.06 -19.25
N ILE A 94 -1.86 -9.29 -18.79
CA ILE A 94 -2.12 -10.48 -19.60
C ILE A 94 -3.48 -11.04 -19.21
N ARG A 95 -4.30 -11.33 -20.21
CA ARG A 95 -5.53 -12.09 -20.00
C ARG A 95 -5.95 -12.65 -21.35
N ALA A 96 -6.96 -13.52 -21.32
CA ALA A 96 -7.40 -14.22 -22.52
C ALA A 96 -8.01 -13.27 -23.55
N PRO A 97 -7.97 -13.62 -24.84
CA PRO A 97 -8.47 -12.67 -25.85
C PRO A 97 -9.97 -12.50 -25.84
N THR A 98 -10.72 -13.44 -25.27
CA THR A 98 -12.17 -13.34 -25.21
C THR A 98 -12.62 -13.35 -23.76
N ILE A 99 -13.72 -12.64 -23.49
CA ILE A 99 -14.20 -12.57 -22.11
C ILE A 99 -14.58 -13.96 -21.65
N GLU A 100 -15.06 -14.81 -22.57
CA GLU A 100 -15.44 -16.19 -22.26
C GLU A 100 -14.27 -16.97 -21.69
N GLN A 101 -13.10 -16.80 -22.28
CA GLN A 101 -11.93 -17.57 -21.88
C GLN A 101 -11.12 -16.89 -20.77
N MET A 102 -11.48 -15.68 -20.36
CA MET A 102 -10.69 -14.98 -19.34
C MET A 102 -11.06 -15.50 -17.96
N LYS A 103 -10.12 -16.21 -17.32
CA LYS A 103 -10.32 -16.67 -15.95
C LYS A 103 -9.27 -16.11 -14.98
N ASP A 104 -8.08 -15.83 -15.46
CA ASP A 104 -7.03 -15.25 -14.64
C ASP A 104 -6.61 -13.93 -15.26
N VAL A 105 -6.11 -13.02 -14.42
CA VAL A 105 -5.55 -11.74 -14.87
C VAL A 105 -4.14 -11.69 -14.31
N TYR A 106 -3.17 -11.36 -15.18
CA TYR A 106 -1.80 -11.20 -14.71
C TYR A 106 -1.37 -9.74 -14.88
N ILE A 107 -1.02 -9.08 -13.78
CA ILE A 107 -0.65 -7.67 -13.79
C ILE A 107 0.87 -7.64 -13.81
N VAL A 108 1.46 -7.01 -14.83
CA VAL A 108 2.93 -7.02 -14.97
C VAL A 108 3.46 -5.66 -14.50
N GLN A 109 4.45 -5.71 -13.61
CA GLN A 109 4.96 -4.51 -12.98
C GLN A 109 6.48 -4.51 -13.06
N ASP A 110 7.09 -3.34 -12.83
CA ASP A 110 8.53 -3.28 -12.58
C ASP A 110 8.89 -4.20 -11.43
N LEU A 111 10.03 -4.88 -11.54
CA LEU A 111 10.46 -5.82 -10.52
C LEU A 111 11.14 -5.09 -9.36
N MET A 112 10.67 -5.32 -8.14
CA MET A 112 11.42 -4.86 -6.98
C MET A 112 12.02 -6.05 -6.27
N GLU A 113 12.96 -5.78 -5.35
CA GLU A 113 13.77 -6.84 -4.77
C GLU A 113 13.13 -7.46 -3.54
N THR A 114 12.44 -6.65 -2.74
CA THR A 114 11.87 -7.16 -1.50
C THR A 114 10.79 -6.17 -1.07
N ASP A 115 10.21 -6.43 0.10
CA ASP A 115 9.25 -5.49 0.64
C ASP A 115 9.67 -5.25 2.07
N LEU A 116 9.12 -4.18 2.67
CA LEU A 116 9.57 -3.78 4.00
C LEU A 116 9.22 -4.83 5.08
N TYR A 117 8.11 -5.55 4.90
CA TYR A 117 7.79 -6.65 5.81
C TYR A 117 8.92 -7.69 5.85
N LYS A 118 9.35 -8.17 4.67
CA LYS A 118 10.44 -9.14 4.62
C LYS A 118 11.73 -8.54 5.15
N LEU A 119 12.02 -7.29 4.80
CA LEU A 119 13.27 -6.68 5.22
C LEU A 119 13.37 -6.60 6.75
N LEU A 120 12.25 -6.28 7.41
CA LEU A 120 12.24 -6.13 8.87
C LEU A 120 12.33 -7.47 9.60
N LYS A 121 12.06 -8.59 8.93
CA LYS A 121 12.37 -9.89 9.53
C LYS A 121 13.86 -10.16 9.65
N THR A 122 14.69 -9.52 8.85
CA THR A 122 16.10 -9.89 8.76
C THR A 122 17.04 -8.85 9.33
N GLN A 123 16.62 -7.60 9.47
CA GLN A 123 17.57 -6.64 10.02
C GLN A 123 16.89 -5.44 10.65
N HIS A 124 17.61 -4.84 11.60
CA HIS A 124 17.25 -3.58 12.22
C HIS A 124 17.80 -2.46 11.35
N LEU A 125 16.93 -1.53 10.96
CA LEU A 125 17.33 -0.43 10.08
C LEU A 125 18.03 0.64 10.89
N SER A 126 19.07 1.22 10.31
CA SER A 126 19.67 2.41 10.88
C SER A 126 18.72 3.59 10.73
N ASN A 127 18.90 4.60 11.59
CA ASN A 127 18.11 5.82 11.49
C ASN A 127 18.19 6.44 10.09
N ASP A 128 19.38 6.43 9.46
CA ASP A 128 19.49 7.01 8.13
C ASP A 128 18.59 6.30 7.13
N HIS A 129 18.51 4.97 7.17
CA HIS A 129 17.65 4.29 6.22
C HIS A 129 16.18 4.54 6.55
N ILE A 130 15.83 4.56 7.83
CA ILE A 130 14.45 4.83 8.23
C ILE A 130 14.00 6.18 7.70
N CYS A 131 14.83 7.21 7.91
CA CYS A 131 14.57 8.55 7.40
C CYS A 131 14.32 8.55 5.90
N TYR A 132 15.21 7.91 5.12
CA TYR A 132 15.03 7.95 3.67
C TYR A 132 13.82 7.13 3.25
N PHE A 133 13.58 5.99 3.90
CA PHE A 133 12.41 5.20 3.53
C PHE A 133 11.14 5.95 3.86
N LEU A 134 11.07 6.55 5.04
CA LEU A 134 9.89 7.33 5.41
C LEU A 134 9.66 8.49 4.46
N TYR A 135 10.72 9.21 4.07
CA TYR A 135 10.56 10.27 3.09
C TYR A 135 9.86 9.78 1.83
N GLN A 136 10.31 8.64 1.31
CA GLN A 136 9.78 8.14 0.05
C GLN A 136 8.34 7.68 0.18
N ILE A 137 8.00 7.05 1.31
CA ILE A 137 6.60 6.70 1.55
C ILE A 137 5.74 7.96 1.45
N LEU A 138 6.13 9.01 2.18
CA LEU A 138 5.36 10.25 2.20
C LEU A 138 5.35 10.95 0.84
N ARG A 139 6.46 10.86 0.10
CA ARG A 139 6.50 11.50 -1.21
C ARG A 139 5.53 10.83 -2.17
N GLY A 140 5.56 9.50 -2.25
CA GLY A 140 4.53 8.78 -3.00
C GLY A 140 3.12 9.06 -2.50
N LEU A 141 2.93 9.10 -1.18
CA LEU A 141 1.59 9.37 -0.64
C LEU A 141 1.12 10.77 -1.01
N LYS A 142 2.05 11.75 -1.03
CA LYS A 142 1.66 13.09 -1.44
C LYS A 142 1.02 13.06 -2.82
N TYR A 143 1.59 12.26 -3.74
CA TYR A 143 1.02 12.14 -5.08
C TYR A 143 -0.35 11.47 -5.04
N ILE A 144 -0.44 10.33 -4.35
CA ILE A 144 -1.73 9.65 -4.23
C ILE A 144 -2.80 10.62 -3.70
N HIS A 145 -2.50 11.30 -2.60
CA HIS A 145 -3.49 12.20 -2.04
C HIS A 145 -3.77 13.37 -2.97
N SER A 146 -2.78 13.82 -3.75
CA SER A 146 -3.06 14.93 -4.66
C SER A 146 -4.06 14.54 -5.74
N ALA A 147 -4.17 13.24 -6.04
CA ALA A 147 -5.20 12.75 -6.95
C ALA A 147 -6.54 12.57 -6.26
N ASN A 148 -6.63 12.93 -4.99
CA ASN A 148 -7.82 12.73 -4.17
C ASN A 148 -8.11 11.24 -3.99
N VAL A 149 -7.07 10.42 -3.91
CA VAL A 149 -7.20 8.98 -3.72
C VAL A 149 -6.69 8.63 -2.32
N LEU A 150 -7.40 7.75 -1.63
CA LEU A 150 -6.96 7.14 -0.39
C LEU A 150 -6.46 5.75 -0.70
N HIS A 151 -5.25 5.42 -0.24
CA HIS A 151 -4.74 4.06 -0.47
C HIS A 151 -5.55 3.06 0.35
N ARG A 152 -5.77 3.37 1.62
CA ARG A 152 -6.61 2.69 2.60
C ARG A 152 -5.98 1.39 3.14
N ASP A 153 -4.85 0.93 2.60
CA ASP A 153 -4.31 -0.34 3.11
C ASP A 153 -2.79 -0.34 3.18
N LEU A 154 -2.17 0.79 3.49
CA LEU A 154 -0.71 0.80 3.58
C LEU A 154 -0.24 -0.09 4.71
N LYS A 155 0.85 -0.80 4.47
CA LYS A 155 1.42 -1.70 5.47
C LYS A 155 2.80 -2.12 5.00
N PRO A 156 3.63 -2.71 5.85
CA PRO A 156 5.01 -3.01 5.42
C PRO A 156 5.09 -3.86 4.16
N SER A 157 4.17 -4.83 4.03
CA SER A 157 4.30 -5.75 2.91
C SER A 157 3.97 -5.11 1.56
N ASN A 158 3.33 -3.94 1.51
CA ASN A 158 3.17 -3.30 0.22
C ASN A 158 4.05 -2.08 0.04
N LEU A 159 5.13 -1.98 0.81
CA LEU A 159 6.19 -1.02 0.49
C LEU A 159 7.35 -1.82 -0.11
N LEU A 160 7.52 -1.72 -1.43
CA LEU A 160 8.55 -2.45 -2.16
C LEU A 160 9.87 -1.69 -2.13
N LEU A 161 10.97 -2.44 -2.08
CA LEU A 161 12.30 -1.86 -2.03
C LEU A 161 13.18 -2.52 -3.08
N ASN A 162 14.13 -1.76 -3.64
CA ASN A 162 15.05 -2.42 -4.54
C ASN A 162 16.43 -2.40 -3.89
N THR A 163 17.45 -2.79 -4.65
CA THR A 163 18.78 -2.90 -4.06
C THR A 163 19.50 -1.56 -3.96
N THR A 164 18.92 -0.48 -4.46
CA THR A 164 19.50 0.86 -4.29
C THR A 164 18.62 1.77 -3.43
N CYS A 165 17.93 1.19 -2.45
CA CYS A 165 17.17 1.90 -1.42
C CYS A 165 15.98 2.68 -1.98
N ASP A 166 15.56 2.39 -3.22
CA ASP A 166 14.36 3.01 -3.75
C ASP A 166 13.12 2.27 -3.26
N LEU A 167 12.11 3.04 -2.90
CA LEU A 167 10.88 2.47 -2.33
C LEU A 167 9.71 2.83 -3.23
N LYS A 168 8.79 1.87 -3.43
CA LYS A 168 7.60 2.10 -4.22
C LYS A 168 6.40 1.51 -3.50
N ILE A 169 5.32 2.28 -3.43
CA ILE A 169 4.06 1.79 -2.85
C ILE A 169 3.33 0.92 -3.87
N CYS A 170 2.78 -0.23 -3.45
CA CYS A 170 2.02 -1.06 -4.39
C CYS A 170 0.69 -1.42 -3.74
N ASP A 171 -0.04 -2.38 -4.31
CA ASP A 171 -1.20 -3.00 -3.66
C ASP A 171 -2.38 -2.04 -3.49
N PHE A 172 -2.92 -1.57 -4.61
CA PHE A 172 -3.96 -0.56 -4.64
C PHE A 172 -5.38 -1.13 -4.75
N GLY A 173 -5.60 -2.40 -4.41
CA GLY A 173 -6.94 -2.99 -4.63
C GLY A 173 -8.02 -2.42 -3.73
N LEU A 174 -7.63 -1.72 -2.65
CA LEU A 174 -8.61 -1.09 -1.77
C LEU A 174 -8.66 0.42 -1.96
N ALA A 175 -7.85 0.97 -2.86
CA ALA A 175 -7.75 2.42 -3.01
C ALA A 175 -9.04 2.98 -3.56
N ARG A 176 -9.45 4.14 -3.03
CA ARG A 176 -10.73 4.75 -3.39
C ARG A 176 -10.57 6.27 -3.46
N VAL A 177 -11.35 6.89 -4.33
CA VAL A 177 -11.44 8.35 -4.34
C VAL A 177 -12.11 8.82 -3.06
N ALA A 178 -11.58 9.87 -2.46
CA ALA A 178 -12.18 10.41 -1.25
C ALA A 178 -13.57 11.00 -1.53
N ASP A 179 -14.55 10.69 -0.66
CA ASP A 179 -15.92 11.19 -0.83
C ASP A 179 -16.66 11.11 0.49
N PRO A 180 -17.60 12.03 0.75
CA PRO A 180 -18.36 12.00 2.02
C PRO A 180 -19.52 11.00 2.01
N ASP A 181 -19.17 9.72 1.99
CA ASP A 181 -20.17 8.66 2.00
C ASP A 181 -19.70 7.44 2.80
N GLY A 186 -20.15 0.19 4.42
CA GLY A 186 -19.38 -1.05 4.65
C GLY A 186 -17.91 -0.83 4.36
N PHE A 187 -17.36 0.28 4.84
CA PHE A 187 -15.97 0.64 4.46
C PHE A 187 -14.94 -0.27 5.13
N LEU A 188 -14.15 -0.96 4.32
CA LEU A 188 -13.04 -1.80 4.84
C LEU A 188 -13.57 -2.96 5.68
N THR A 189 -14.72 -3.51 5.31
CA THR A 189 -15.26 -4.71 5.98
C THR A 189 -14.72 -5.96 5.27
N GLU A 190 -14.18 -5.79 4.07
CA GLU A 190 -13.72 -6.95 3.27
C GLU A 190 -12.45 -7.55 3.90
N TYR A 191 -12.19 -8.81 3.59
CA TYR A 191 -11.04 -9.48 4.22
C TYR A 191 -9.70 -8.84 3.85
N VAL A 192 -8.86 -8.65 4.86
CA VAL A 192 -7.46 -8.28 4.61
C VAL A 192 -6.59 -9.17 5.48
N ALA A 193 -5.35 -9.39 5.03
CA ALA A 193 -4.44 -10.25 5.80
C ALA A 193 -4.06 -9.63 7.13
N THR A 194 -4.02 -8.29 7.23
CA THR A 194 -3.71 -7.67 8.51
C THR A 194 -4.46 -6.36 8.66
N ARG A 195 -5.08 -6.16 9.83
CA ARG A 195 -5.76 -4.92 10.19
C ARG A 195 -4.93 -4.01 11.08
N TRP A 196 -3.66 -4.37 11.34
CA TRP A 196 -2.90 -3.69 12.38
C TRP A 196 -2.51 -2.26 12.01
N TYR A 197 -2.70 -1.84 10.76
CA TYR A 197 -2.27 -0.52 10.32
C TYR A 197 -3.46 0.42 10.15
N ARG A 198 -4.66 -0.01 10.58
CA ARG A 198 -5.86 0.78 10.34
C ARG A 198 -6.08 1.85 11.42
N ALA A 199 -6.57 3.02 10.98
CA ALA A 199 -6.81 4.15 11.87
C ALA A 199 -7.93 3.82 12.87
N PRO A 200 -7.89 4.36 14.09
CA PRO A 200 -8.97 4.07 15.06
C PRO A 200 -10.34 4.50 14.58
N GLU A 201 -10.44 5.57 13.77
CA GLU A 201 -11.76 5.99 13.33
C GLU A 201 -12.43 4.90 12.49
N ILE A 202 -11.64 4.09 11.78
CA ILE A 202 -12.21 2.94 11.05
C ILE A 202 -12.74 1.89 12.01
N MET A 203 -11.99 1.61 13.07
N MET A 203 -11.97 1.58 13.06
CA MET A 203 -12.41 0.58 14.02
CA MET A 203 -12.42 0.59 14.04
C MET A 203 -13.55 1.04 14.92
C MET A 203 -13.65 1.05 14.81
N LEU A 204 -13.78 2.34 15.04
CA LEU A 204 -14.94 2.86 15.78
C LEU A 204 -16.16 3.06 14.90
N ASN A 205 -16.02 2.79 13.59
CA ASN A 205 -17.12 2.96 12.64
C ASN A 205 -17.62 4.40 12.63
N SER A 206 -16.70 5.34 12.83
CA SER A 206 -17.01 6.71 12.45
C SER A 206 -17.26 6.73 10.95
N LYS A 207 -17.89 7.79 10.45
CA LYS A 207 -18.32 7.75 9.07
C LYS A 207 -17.41 8.48 8.10
N GLY A 208 -16.89 9.65 8.47
CA GLY A 208 -16.21 10.48 7.50
C GLY A 208 -14.73 10.20 7.36
N TYR A 209 -14.36 9.06 6.80
CA TYR A 209 -12.95 8.72 6.65
C TYR A 209 -12.27 9.63 5.64
N THR A 210 -11.06 10.10 5.97
CA THR A 210 -10.36 11.04 5.11
C THR A 210 -8.95 10.54 4.81
N LYS A 211 -8.20 11.38 4.09
CA LYS A 211 -6.77 11.14 3.86
C LYS A 211 -6.02 10.78 5.12
N SER A 212 -6.50 11.23 6.29
CA SER A 212 -5.78 11.00 7.54
C SER A 212 -5.65 9.51 7.87
N ILE A 213 -6.48 8.63 7.29
CA ILE A 213 -6.35 7.22 7.63
C ILE A 213 -5.05 6.66 7.08
N ASP A 214 -4.60 7.17 5.93
CA ASP A 214 -3.31 6.75 5.37
C ASP A 214 -2.15 7.24 6.22
N ILE A 215 -2.25 8.46 6.76
CA ILE A 215 -1.16 8.98 7.60
C ILE A 215 -1.00 8.14 8.85
N TRP A 216 -2.13 7.75 9.47
CA TRP A 216 -2.07 6.83 10.61
C TRP A 216 -1.28 5.59 10.23
N SER A 217 -1.61 4.99 9.08
CA SER A 217 -0.94 3.78 8.64
C SER A 217 0.57 4.03 8.52
N VAL A 218 0.95 5.20 8.00
CA VAL A 218 2.37 5.50 7.87
C VAL A 218 3.02 5.63 9.25
N GLY A 219 2.29 6.19 10.21
CA GLY A 219 2.78 6.26 11.57
C GLY A 219 3.00 4.89 12.19
N CYS A 220 2.06 3.96 11.96
CA CYS A 220 2.28 2.58 12.37
C CYS A 220 3.54 1.98 11.73
N ILE A 221 3.76 2.26 10.44
CA ILE A 221 4.93 1.69 9.75
C ILE A 221 6.22 2.27 10.31
N LEU A 222 6.26 3.57 10.57
CA LEU A 222 7.44 4.19 11.18
C LEU A 222 7.75 3.56 12.53
N ALA A 223 6.73 3.42 13.38
CA ALA A 223 6.91 2.76 14.66
C ALA A 223 7.52 1.38 14.48
N GLU A 224 7.04 0.63 13.51
CA GLU A 224 7.56 -0.71 13.27
C GLU A 224 8.98 -0.69 12.72
N MET A 225 9.33 0.31 11.90
CA MET A 225 10.73 0.45 11.49
C MET A 225 11.65 0.76 12.66
N LEU A 226 11.12 1.40 13.70
CA LEU A 226 11.95 1.81 14.83
C LEU A 226 12.23 0.67 15.80
N SER A 227 11.31 -0.29 15.95
CA SER A 227 11.48 -1.35 16.93
C SER A 227 11.43 -2.76 16.34
N ASN A 228 11.07 -2.92 15.07
CA ASN A 228 10.85 -4.22 14.43
C ASN A 228 9.73 -5.01 15.11
N ARG A 229 8.77 -4.32 15.70
CA ARG A 229 7.57 -4.97 16.19
C ARG A 229 6.38 -4.12 15.84
N PRO A 230 5.22 -4.72 15.53
CA PRO A 230 4.03 -3.90 15.25
C PRO A 230 3.64 -3.12 16.49
N ILE A 231 3.16 -1.90 16.29
CA ILE A 231 2.91 -1.05 17.45
C ILE A 231 1.51 -1.27 18.03
N PHE A 232 0.50 -1.51 17.18
CA PHE A 232 -0.88 -1.73 17.64
C PHE A 232 -1.46 -3.04 17.11
N PRO A 233 -0.89 -4.18 17.47
CA PRO A 233 -1.45 -5.46 17.04
C PRO A 233 -2.69 -5.76 17.89
N GLY A 234 -3.35 -6.87 17.57
CA GLY A 234 -4.46 -7.32 18.38
C GLY A 234 -5.35 -8.23 17.56
N LYS A 235 -6.00 -9.18 18.24
CA LYS A 235 -6.83 -10.17 17.56
C LYS A 235 -8.07 -9.50 16.95
N HIS A 236 -8.74 -8.66 17.74
CA HIS A 236 -9.97 -8.00 17.34
C HIS A 236 -9.77 -6.49 17.38
N TYR A 237 -10.67 -5.76 16.73
CA TYR A 237 -10.64 -4.29 16.84
C TYR A 237 -10.66 -3.83 18.30
N LEU A 238 -11.41 -4.55 19.14
CA LEU A 238 -11.41 -4.21 20.56
C LEU A 238 -10.00 -4.24 21.13
N ASP A 239 -9.24 -5.30 20.79
CA ASP A 239 -7.90 -5.47 21.32
C ASP A 239 -6.96 -4.42 20.77
N GLN A 240 -7.10 -4.09 19.48
CA GLN A 240 -6.26 -3.07 18.86
C GLN A 240 -6.53 -1.70 19.49
N LEU A 241 -7.80 -1.35 19.65
CA LEU A 241 -8.16 -0.09 20.30
C LEU A 241 -7.61 -0.01 21.71
N ASN A 242 -7.63 -1.11 22.45
CA ASN A 242 -7.08 -1.09 23.80
C ASN A 242 -5.56 -0.87 23.78
N HIS A 243 -4.88 -1.44 22.78
CA HIS A 243 -3.44 -1.18 22.65
C HIS A 243 -3.16 0.27 22.22
N ILE A 244 -4.00 0.83 21.37
CA ILE A 244 -3.87 2.24 21.01
C ILE A 244 -4.04 3.10 22.26
N LEU A 245 -5.09 2.85 23.04
CA LEU A 245 -5.33 3.66 24.22
C LEU A 245 -4.24 3.44 25.27
N GLY A 246 -3.72 2.22 25.38
CA GLY A 246 -2.66 1.92 26.33
C GLY A 246 -1.36 2.66 26.07
N ILE A 247 -1.18 3.20 24.86
CA ILE A 247 0.01 3.97 24.50
C ILE A 247 -0.30 5.45 24.36
N LEU A 248 -1.31 5.79 23.55
CA LEU A 248 -1.70 7.20 23.40
C LEU A 248 -2.40 7.77 24.64
N GLY A 249 -2.91 6.94 25.54
CA GLY A 249 -3.73 7.45 26.62
C GLY A 249 -5.18 7.69 26.19
N SER A 250 -6.02 8.00 27.17
CA SER A 250 -7.45 8.18 26.89
C SER A 250 -7.65 9.44 26.04
N PRO A 251 -8.58 9.40 25.08
CA PRO A 251 -8.80 10.58 24.22
C PRO A 251 -9.42 11.74 25.00
N SER A 252 -9.17 12.95 24.50
CA SER A 252 -9.72 14.14 25.16
C SER A 252 -11.22 14.24 24.95
N GLN A 253 -11.84 15.10 25.74
CA GLN A 253 -13.26 15.38 25.54
C GLN A 253 -13.51 16.02 24.18
N GLU A 254 -12.63 16.95 23.77
CA GLU A 254 -12.76 17.56 22.45
C GLU A 254 -12.64 16.50 21.36
N ASP A 255 -11.70 15.57 21.53
CA ASP A 255 -11.55 14.50 20.54
C ASP A 255 -12.77 13.60 20.52
N LEU A 256 -13.38 13.36 21.67
CA LEU A 256 -14.55 12.48 21.76
C LEU A 256 -15.73 13.04 20.99
N ASN A 257 -16.17 14.27 21.32
CA ASN A 257 -17.35 14.79 20.65
C ASN A 257 -17.08 15.25 19.24
N CYS A 258 -15.87 14.99 18.73
CA CYS A 258 -15.62 15.01 17.29
C CYS A 258 -15.94 13.67 16.63
N ILE A 259 -16.32 12.65 17.40
CA ILE A 259 -16.65 11.34 16.82
C ILE A 259 -18.12 11.33 16.46
N ILE A 260 -18.40 10.87 15.24
CA ILE A 260 -19.81 10.83 14.74
C ILE A 260 -20.59 9.71 15.43
N ASN A 261 -19.98 8.52 15.59
CA ASN A 261 -20.67 7.35 16.17
C ASN A 261 -20.91 7.55 17.66
N LEU A 262 -22.16 7.82 18.05
CA LEU A 262 -22.50 7.97 19.49
C LEU A 262 -22.18 6.67 20.22
N LYS A 263 -22.41 5.53 19.58
CA LYS A 263 -22.19 4.24 20.27
C LYS A 263 -20.71 4.09 20.64
N ALA A 264 -19.80 4.29 19.69
CA ALA A 264 -18.37 4.08 19.96
C ALA A 264 -17.90 5.10 21.00
N ARG A 265 -18.37 6.34 20.86
CA ARG A 265 -18.02 7.40 21.83
C ARG A 265 -18.41 6.90 23.22
N ASN A 266 -19.60 6.31 23.35
CA ASN A 266 -20.10 5.88 24.68
C ASN A 266 -19.17 4.79 25.26
N TYR A 267 -18.75 3.83 24.44
CA TYR A 267 -17.93 2.72 24.98
C TYR A 267 -16.60 3.27 25.49
N LEU A 268 -15.94 4.10 24.67
CA LEU A 268 -14.61 4.66 25.05
C LEU A 268 -14.76 5.41 26.38
N LEU A 269 -15.87 6.11 26.54
CA LEU A 269 -16.05 6.93 27.77
C LEU A 269 -16.14 6.01 28.97
N SER A 270 -16.61 4.78 28.75
CA SER A 270 -16.78 3.82 29.86
C SER A 270 -15.43 3.21 30.24
N LEU A 271 -14.48 3.25 29.31
CA LEU A 271 -13.18 2.59 29.55
C LEU A 271 -12.44 3.28 30.70
N PRO A 272 -11.60 2.54 31.45
CA PRO A 272 -10.87 3.12 32.56
C PRO A 272 -9.81 4.04 31.98
N HIS A 273 -9.43 5.06 32.73
CA HIS A 273 -8.46 6.05 32.21
C HIS A 273 -7.17 5.36 31.82
N LYS A 274 -6.51 5.90 30.80
CA LYS A 274 -5.15 5.39 30.47
C LYS A 274 -4.31 6.64 30.26
N ASN A 275 -3.18 6.74 30.92
CA ASN A 275 -2.27 7.84 30.65
C ASN A 275 -1.43 7.52 29.41
N LYS A 276 -1.08 8.58 28.68
CA LYS A 276 -0.16 8.46 27.55
C LYS A 276 1.19 7.94 28.03
N VAL A 277 1.77 7.02 27.28
CA VAL A 277 3.10 6.51 27.54
C VAL A 277 4.09 7.26 26.65
N PRO A 278 5.19 7.78 27.18
CA PRO A 278 6.09 8.58 26.34
C PRO A 278 6.79 7.72 25.29
N TRP A 279 6.91 8.27 24.08
CA TRP A 279 7.53 7.52 22.99
C TRP A 279 8.96 7.11 23.31
N ASN A 280 9.72 7.94 24.03
CA ASN A 280 11.11 7.56 24.29
C ASN A 280 11.20 6.31 25.15
N ARG A 281 10.17 5.96 25.91
CA ARG A 281 10.26 4.72 26.65
C ARG A 281 9.99 3.52 25.76
N LEU A 282 9.12 3.67 24.76
CA LEU A 282 8.91 2.60 23.78
C LEU A 282 10.07 2.50 22.80
N PHE A 283 10.70 3.63 22.46
CA PHE A 283 11.74 3.70 21.44
C PHE A 283 12.91 4.45 22.03
N PRO A 284 13.65 3.83 22.95
CA PRO A 284 14.72 4.56 23.65
C PRO A 284 15.90 4.91 22.76
N ASN A 285 16.19 4.12 21.74
CA ASN A 285 17.34 4.40 20.89
C ASN A 285 16.97 5.26 19.68
N ALA A 286 15.72 5.71 19.57
CA ALA A 286 15.26 6.37 18.36
C ALA A 286 15.58 7.86 18.38
N ASP A 287 15.72 8.43 17.18
CA ASP A 287 15.91 9.86 16.98
C ASP A 287 14.72 10.66 17.49
N SER A 288 15.00 11.72 18.28
CA SER A 288 13.92 12.48 18.89
C SER A 288 13.07 13.21 17.86
N LYS A 289 13.67 13.64 16.74
CA LYS A 289 12.83 14.20 15.68
C LYS A 289 11.94 13.16 15.04
N ALA A 290 12.40 11.91 14.92
CA ALA A 290 11.52 10.86 14.39
C ALA A 290 10.34 10.63 15.31
N LEU A 291 10.54 10.75 16.62
CA LEU A 291 9.44 10.52 17.56
C LEU A 291 8.45 11.67 17.57
N ASP A 292 8.91 12.89 17.31
CA ASP A 292 7.99 14.03 17.20
C ASP A 292 7.06 13.88 16.01
N LEU A 293 7.59 13.50 14.85
CA LEU A 293 6.76 13.24 13.68
C LEU A 293 5.88 12.02 13.90
N LEU A 294 6.43 10.99 14.53
CA LEU A 294 5.64 9.82 14.85
C LEU A 294 4.43 10.19 15.71
N ASP A 295 4.65 11.07 16.70
CA ASP A 295 3.56 11.49 17.56
C ASP A 295 2.47 12.20 16.78
N LYS A 296 2.85 13.02 15.80
CA LYS A 296 1.89 13.79 15.01
C LYS A 296 1.17 12.93 13.98
N MET A 297 1.76 11.81 13.56
N MET A 297 1.77 11.82 13.56
CA MET A 297 1.07 10.89 12.66
CA MET A 297 1.07 10.89 12.68
C MET A 297 0.15 9.94 13.42
C MET A 297 0.10 10.01 13.46
N LEU A 298 0.50 9.57 14.64
CA LEU A 298 -0.36 8.72 15.47
C LEU A 298 -1.17 9.54 16.46
N THR A 299 -1.85 10.59 15.98
CA THR A 299 -2.76 11.34 16.83
C THR A 299 -4.16 10.80 16.61
N PHE A 300 -4.88 10.67 17.71
CA PHE A 300 -6.15 9.97 17.69
C PHE A 300 -7.19 10.69 16.83
N ASN A 301 -7.36 11.99 17.06
CA ASN A 301 -8.27 12.81 16.29
C ASN A 301 -7.78 12.91 14.84
N PRO A 302 -8.51 12.38 13.86
CA PRO A 302 -8.05 12.49 12.47
C PRO A 302 -8.02 13.92 11.96
N HIS A 303 -8.84 14.81 12.52
CA HIS A 303 -8.83 16.22 12.11
C HIS A 303 -7.55 16.92 12.56
N LYS A 304 -6.92 16.44 13.63
CA LYS A 304 -5.68 17.02 14.13
C LYS A 304 -4.44 16.32 13.59
N ARG A 305 -4.60 15.19 12.92
CA ARG A 305 -3.48 14.38 12.47
C ARG A 305 -2.71 15.12 11.38
N ILE A 306 -1.39 15.00 11.40
CA ILE A 306 -0.58 15.75 10.46
C ILE A 306 -0.93 15.34 9.03
N GLU A 307 -0.92 16.32 8.13
CA GLU A 307 -1.16 16.04 6.71
C GLU A 307 0.14 15.73 6.00
N VAL A 308 0.02 15.14 4.81
CA VAL A 308 1.21 14.58 4.12
C VAL A 308 2.22 15.68 3.79
N GLU A 309 1.75 16.85 3.34
CA GLU A 309 2.67 17.92 2.98
C GLU A 309 3.29 18.57 4.21
N GLN A 310 2.56 18.61 5.33
CA GLN A 310 3.15 19.03 6.59
C GLN A 310 4.18 18.02 7.07
N ALA A 311 3.91 16.73 6.92
CA ALA A 311 4.85 15.69 7.35
C ALA A 311 6.14 15.73 6.52
N LEU A 312 6.02 15.96 5.21
CA LEU A 312 7.22 16.13 4.38
C LEU A 312 8.09 17.29 4.84
N ALA A 313 7.45 18.32 5.39
CA ALA A 313 8.15 19.53 5.83
C ALA A 313 8.65 19.44 7.27
N HIS A 314 8.44 18.31 7.94
CA HIS A 314 8.85 18.14 9.33
C HIS A 314 10.37 18.14 9.44
N PRO A 315 10.93 18.68 10.53
CA PRO A 315 12.40 18.69 10.68
C PRO A 315 13.09 17.33 10.51
N TYR A 316 12.42 16.22 10.83
CA TYR A 316 13.09 14.92 10.70
C TYR A 316 13.48 14.62 9.26
N LEU A 317 12.73 15.16 8.31
CA LEU A 317 12.95 14.86 6.90
C LEU A 317 13.66 16.00 6.16
N GLU A 318 14.27 16.93 6.89
CA GLU A 318 14.73 18.17 6.26
C GLU A 318 15.79 17.93 5.18
N GLN A 319 16.58 16.89 5.30
CA GLN A 319 17.61 16.67 4.30
C GLN A 319 17.07 16.12 2.99
N TYR A 320 15.82 15.60 2.97
CA TYR A 320 15.20 15.12 1.73
C TYR A 320 14.08 16.02 1.24
N TYR A 321 13.56 16.91 2.07
CA TYR A 321 12.42 17.73 1.68
C TYR A 321 12.77 18.62 0.50
N ASP A 322 12.01 18.50 -0.58
CA ASP A 322 12.24 19.41 -1.71
C ASP A 322 10.92 19.55 -2.46
N PRO A 323 10.14 20.59 -2.14
CA PRO A 323 8.84 20.76 -2.79
C PRO A 323 8.93 20.96 -4.29
N SER A 324 10.09 21.35 -4.82
CA SER A 324 10.22 21.48 -6.28
C SER A 324 10.32 20.13 -6.97
N ASP A 325 10.48 19.02 -6.23
CA ASP A 325 10.68 17.72 -6.83
C ASP A 325 9.83 16.67 -6.12
N GLU A 326 8.64 17.07 -5.70
CA GLU A 326 7.69 16.20 -5.00
C GLU A 326 6.39 16.35 -5.79
N PRO A 327 6.30 15.69 -6.95
CA PRO A 327 5.25 16.02 -7.91
C PRO A 327 3.88 15.56 -7.46
N ILE A 328 2.88 16.12 -8.12
CA ILE A 328 1.48 15.83 -7.81
C ILE A 328 0.78 15.40 -9.10
N ALA A 329 -0.42 14.84 -8.95
CA ALA A 329 -1.24 14.45 -10.09
C ALA A 329 -1.74 15.68 -10.84
N GLU A 330 -1.96 15.52 -12.15
CA GLU A 330 -2.37 16.63 -12.99
C GLU A 330 -3.79 17.09 -12.67
N ALA A 331 -4.68 16.14 -12.34
CA ALA A 331 -6.05 16.43 -11.94
C ALA A 331 -6.49 15.46 -10.86
N PRO A 332 -7.23 15.94 -9.86
CA PRO A 332 -7.80 15.02 -8.87
C PRO A 332 -8.91 14.19 -9.48
N PHE A 333 -8.87 12.89 -9.22
CA PHE A 333 -9.87 11.97 -9.76
C PHE A 333 -11.27 12.33 -9.25
N LYS A 334 -12.27 12.10 -10.09
CA LYS A 334 -13.67 12.24 -9.69
C LYS A 334 -14.29 10.86 -9.56
N PHE A 335 -15.28 10.75 -8.68
CA PHE A 335 -15.93 9.47 -8.40
C PHE A 335 -17.17 9.34 -9.27
N ASP A 336 -17.03 8.59 -10.37
CA ASP A 336 -18.12 8.37 -11.32
C ASP A 336 -18.30 6.89 -11.63
N MET A 337 -17.91 6.03 -10.69
CA MET A 337 -18.02 4.59 -10.88
C MET A 337 -19.09 3.97 -9.98
N GLU A 338 -18.94 4.10 -8.67
CA GLU A 338 -19.75 3.37 -7.70
C GLU A 338 -19.79 1.88 -8.08
N LEU A 339 -18.61 1.32 -8.30
CA LEU A 339 -18.51 -0.09 -8.65
C LEU A 339 -18.67 -1.00 -7.45
N ASP A 340 -18.84 -0.46 -6.24
CA ASP A 340 -19.02 -1.32 -5.07
C ASP A 340 -20.38 -2.01 -5.04
N ASP A 341 -21.31 -1.63 -5.93
CA ASP A 341 -22.58 -2.31 -6.04
C ASP A 341 -22.76 -3.03 -7.38
N LEU A 342 -21.78 -2.97 -8.27
CA LEU A 342 -21.93 -3.64 -9.55
C LEU A 342 -21.75 -5.14 -9.37
N PRO A 343 -22.55 -5.96 -10.05
CA PRO A 343 -22.36 -7.41 -9.95
C PRO A 343 -21.06 -7.84 -10.60
N LYS A 344 -20.55 -9.00 -10.17
CA LYS A 344 -19.23 -9.43 -10.65
C LYS A 344 -19.25 -9.65 -12.16
N GLU A 345 -20.41 -10.00 -12.74
CA GLU A 345 -20.50 -10.11 -14.20
C GLU A 345 -20.22 -8.78 -14.86
N LYS A 346 -20.78 -7.69 -14.33
CA LYS A 346 -20.48 -6.37 -14.85
C LYS A 346 -19.03 -6.00 -14.59
N LEU A 347 -18.51 -6.31 -13.40
CA LEU A 347 -17.11 -6.02 -13.12
C LEU A 347 -16.19 -6.73 -14.11
N LYS A 348 -16.54 -7.95 -14.53
CA LYS A 348 -15.69 -8.68 -15.45
C LYS A 348 -15.62 -7.97 -16.79
N GLU A 349 -16.76 -7.50 -17.30
CA GLU A 349 -16.78 -6.71 -18.53
C GLU A 349 -15.91 -5.47 -18.43
N LEU A 350 -15.94 -4.79 -17.28
CA LEU A 350 -15.14 -3.58 -17.15
C LEU A 350 -13.65 -3.90 -17.11
N ILE A 351 -13.28 -4.97 -16.40
CA ILE A 351 -11.91 -5.44 -16.41
C ILE A 351 -11.46 -5.79 -17.83
N PHE A 352 -12.29 -6.53 -18.55
CA PHE A 352 -12.00 -6.85 -19.95
C PHE A 352 -11.75 -5.57 -20.75
N GLU A 353 -12.65 -4.59 -20.62
CA GLU A 353 -12.50 -3.33 -21.35
C GLU A 353 -11.25 -2.58 -20.93
N GLU A 354 -10.99 -2.54 -19.62
CA GLU A 354 -9.85 -1.76 -19.14
C GLU A 354 -8.52 -2.36 -19.58
N THR A 355 -8.50 -3.67 -19.85
CA THR A 355 -7.29 -4.39 -20.23
C THR A 355 -7.16 -4.60 -21.73
N ALA A 356 -8.15 -4.17 -22.55
CA ALA A 356 -8.07 -4.41 -23.99
C ALA A 356 -6.84 -3.76 -24.62
N ARG A 357 -6.37 -2.63 -24.10
CA ARG A 357 -5.29 -1.90 -24.74
C ARG A 357 -3.96 -2.66 -24.71
N PHE A 358 -3.85 -3.71 -23.91
CA PHE A 358 -2.61 -4.48 -23.81
C PHE A 358 -2.62 -5.74 -24.67
N GLN A 359 -3.73 -6.02 -25.33
CA GLN A 359 -3.82 -7.23 -26.13
C GLN A 359 -2.89 -7.13 -27.34
N PRO A 360 -2.21 -8.23 -27.69
CA PRO A 360 -1.34 -8.20 -28.86
C PRO A 360 -2.12 -7.79 -30.10
N GLY A 361 -1.65 -6.73 -30.76
CA GLY A 361 -2.23 -6.27 -32.01
C GLY A 361 -3.28 -5.19 -31.87
N TYR A 362 -3.57 -4.74 -30.65
CA TYR A 362 -4.52 -3.67 -30.40
C TYR A 362 -4.39 -2.48 -31.35
N MET B 1 18.31 -8.99 2.49
CA MET B 1 18.95 -8.13 1.49
C MET B 1 19.99 -7.21 2.13
N GLN B 2 21.09 -6.95 1.41
CA GLN B 2 22.06 -5.96 1.84
C GLN B 2 21.62 -4.59 1.31
N LEU B 3 21.23 -3.71 2.21
CA LEU B 3 20.74 -2.39 1.86
C LEU B 3 21.76 -1.58 1.06
N LEU B 5 21.80 4.49 0.27
CA LEU B 5 21.80 5.94 0.47
C LEU B 5 22.80 6.61 -0.49
N ASP B 6 23.87 5.88 -0.84
CA ASP B 6 24.90 6.40 -1.74
C ASP B 6 24.58 6.22 -3.21
N SER B 7 23.89 5.15 -3.56
CA SER B 7 23.66 4.78 -4.95
C SER B 7 22.25 5.08 -5.44
N SER B 8 21.38 5.65 -4.59
CA SER B 8 20.00 5.92 -5.03
C SER B 8 19.96 7.19 -5.88
N ASN B 9 19.24 7.14 -7.00
CA ASN B 9 19.15 8.32 -7.88
C ASN B 9 18.47 9.49 -7.19
N LEU B 10 17.34 9.23 -6.52
CA LEU B 10 16.65 10.30 -5.81
C LEU B 10 17.53 10.89 -4.72
N ALA B 11 18.26 10.04 -3.99
CA ALA B 11 19.16 10.58 -2.96
C ALA B 11 20.23 11.48 -3.58
N ARG B 12 20.72 11.15 -4.78
CA ARG B 12 21.71 12.01 -5.43
C ARG B 12 21.12 13.37 -5.72
N ARG B 13 19.90 13.41 -6.26
CA ARG B 13 19.27 14.71 -6.54
C ARG B 13 19.17 15.57 -5.28
N ARG B 14 18.88 14.93 -4.13
CA ARG B 14 18.71 15.66 -2.88
C ARG B 14 20.05 16.11 -2.30
N ARG B 15 21.08 15.26 -2.38
CA ARG B 15 22.43 15.67 -1.97
C ARG B 15 22.87 16.91 -2.74
N ARG B 16 22.55 16.97 -4.02
CA ARG B 16 23.24 17.91 -4.89
C ARG B 16 22.38 19.10 -5.21
N ARG B 17 21.32 19.34 -4.44
CA ARG B 17 20.47 20.49 -4.70
C ARG B 17 21.16 21.75 -4.23
N ARG B 18 20.83 22.86 -4.91
CA ARG B 18 21.50 24.16 -4.84
C ARG B 18 22.80 24.13 -5.62
#